data_5CYW
#
_entry.id   5CYW
#
_cell.length_a   100.653
_cell.length_b   100.653
_cell.length_c   100.653
_cell.angle_alpha   90.00
_cell.angle_beta   90.00
_cell.angle_gamma   90.00
#
_symmetry.space_group_name_H-M   'P 21 3'
#
loop_
_entity.id
_entity.type
_entity.pdbx_description
1 polymer 'Interferon antagonist C7'
2 non-polymer GLYCEROL
3 water water
#
_entity_poly.entity_id   1
_entity_poly.type   'polypeptide(L)'
_entity_poly.pdbx_seq_one_letter_code
;GHMGIQHEFDIIINGDIALRNLQLHKGDNYGCKLKIISNDYKKLKFRFIIRPDWSEIDEVKGLTVFANNYAVKVNKVDDT
FYYVIYEAVIHLYNKKTEILIYSDDENELFKHYYPYISLNMISKKYKVKEENYSSPYIEHPLIPYRDYESMD
;
_entity_poly.pdbx_strand_id   B
#
loop_
_chem_comp.id
_chem_comp.type
_chem_comp.name
_chem_comp.formula
GOL non-polymer GLYCEROL 'C3 H8 O3'
#
# COMPACT_ATOMS: atom_id res chain seq x y z
N MET A 3 2.10 -23.23 7.27
CA MET A 3 1.81 -22.08 6.42
C MET A 3 0.41 -21.54 6.70
N GLY A 4 0.35 -20.41 7.37
CA GLY A 4 -0.92 -19.83 7.72
C GLY A 4 -1.66 -19.09 6.66
N ILE A 5 -2.09 -17.91 7.03
CA ILE A 5 -2.88 -17.07 6.15
C ILE A 5 -1.93 -16.31 5.19
N GLN A 6 -2.19 -16.42 3.90
CA GLN A 6 -1.34 -15.78 2.92
C GLN A 6 -2.10 -14.92 1.91
N HIS A 7 -2.39 -13.67 2.29
CA HIS A 7 -2.96 -12.70 1.37
C HIS A 7 -1.92 -12.20 0.34
N GLU A 8 -2.36 -11.51 -0.70
CA GLU A 8 -1.44 -10.77 -1.54
C GLU A 8 -1.88 -9.32 -1.48
N PHE A 9 -0.91 -8.40 -1.55
CA PHE A 9 -1.23 -6.98 -1.32
C PHE A 9 -0.34 -6.12 -2.19
N ASP A 10 -0.91 -5.32 -3.09
CA ASP A 10 -0.12 -4.43 -3.99
C ASP A 10 -0.66 -3.00 -3.81
N ILE A 11 0.17 -1.99 -4.12
CA ILE A 11 -0.27 -0.59 -4.13
C ILE A 11 0.18 0.06 -5.44
N ILE A 12 -0.73 0.70 -6.16
CA ILE A 12 -0.38 1.39 -7.39
C ILE A 12 -0.45 2.88 -7.14
N ILE A 13 0.56 3.61 -7.60
CA ILE A 13 0.57 5.05 -7.42
C ILE A 13 0.59 5.77 -8.75
N ASN A 14 -0.42 6.63 -8.94
CA ASN A 14 -0.53 7.40 -10.16
C ASN A 14 -0.60 6.63 -11.47
N GLY A 15 -1.01 5.38 -11.41
CA GLY A 15 -0.94 4.45 -12.53
C GLY A 15 0.45 4.27 -13.10
N ASP A 16 1.49 4.76 -12.40
CA ASP A 16 2.85 4.70 -12.98
C ASP A 16 3.77 3.76 -12.19
N ILE A 17 3.56 3.72 -10.89
CA ILE A 17 4.47 3.00 -10.01
C ILE A 17 3.69 1.85 -9.37
N ALA A 18 4.18 0.61 -9.51
CA ALA A 18 3.48 -0.45 -8.80
C ALA A 18 4.38 -0.94 -7.70
N LEU A 19 3.88 -0.86 -6.47
CA LEU A 19 4.59 -1.47 -5.34
C LEU A 19 3.99 -2.86 -5.14
N ARG A 20 4.66 -3.88 -5.68
CA ARG A 20 4.08 -5.22 -5.66
C ARG A 20 4.60 -6.06 -4.52
N ASN A 21 3.89 -7.15 -4.24
CA ASN A 21 4.39 -8.16 -3.34
C ASN A 21 4.65 -7.58 -1.95
N LEU A 22 3.75 -6.71 -1.49
CA LEU A 22 3.86 -6.06 -0.16
C LEU A 22 3.29 -6.94 0.96
N GLN A 23 2.61 -8.04 0.61
CA GLN A 23 1.93 -8.82 1.65
C GLN A 23 2.88 -9.32 2.74
N LEU A 24 2.36 -9.47 3.95
CA LEU A 24 3.12 -10.21 4.94
C LEU A 24 3.27 -11.66 4.48
N HIS A 25 4.41 -12.29 4.76
CA HIS A 25 4.68 -13.65 4.37
C HIS A 25 3.61 -14.57 4.92
N LYS A 26 3.13 -14.29 6.12
CA LYS A 26 1.90 -14.93 6.59
C LYS A 26 1.29 -14.01 7.62
N GLY A 27 -0.02 -14.14 7.82
CA GLY A 27 -0.74 -13.40 8.83
C GLY A 27 -1.93 -12.70 8.19
N ASP A 28 -2.96 -12.48 8.99
CA ASP A 28 -4.19 -11.83 8.51
C ASP A 28 -4.07 -10.30 8.72
N ASN A 29 -3.09 -9.70 8.05
CA ASN A 29 -2.94 -8.24 8.03
C ASN A 29 -2.12 -7.87 6.80
N TYR A 30 -2.21 -6.62 6.37
CA TYR A 30 -1.46 -6.06 5.24
C TYR A 30 -1.33 -4.56 5.38
N GLY A 31 -0.19 -3.99 5.03
CA GLY A 31 -0.01 -2.58 5.31
C GLY A 31 1.32 -2.15 4.73
N CYS A 32 1.60 -0.86 4.80
CA CYS A 32 2.83 -0.31 4.22
C CYS A 32 3.02 1.06 4.83
N LYS A 33 4.25 1.46 5.01
CA LYS A 33 4.59 2.78 5.46
C LYS A 33 5.32 3.41 4.30
N LEU A 34 4.95 4.60 3.91
CA LEU A 34 5.57 5.28 2.75
C LEU A 34 6.15 6.60 3.19
N LYS A 35 7.38 6.90 2.81
CA LYS A 35 7.89 8.26 2.94
C LYS A 35 7.84 8.92 1.57
N ILE A 36 7.05 9.99 1.45
CA ILE A 36 6.95 10.73 0.19
C ILE A 36 7.75 12.01 0.29
N ILE A 37 8.67 12.23 -0.66
CA ILE A 37 9.39 13.48 -0.73
C ILE A 37 8.96 14.15 -2.01
N SER A 38 8.56 15.42 -1.92
CA SER A 38 7.99 16.10 -3.08
C SER A 38 8.19 17.58 -3.03
N ASN A 39 8.45 18.21 -4.18
CA ASN A 39 8.34 19.66 -4.28
C ASN A 39 7.12 20.09 -5.06
N ASP A 40 6.80 19.34 -6.13
CA ASP A 40 5.85 19.76 -7.16
C ASP A 40 4.47 19.10 -7.10
N TYR A 41 4.35 17.87 -6.59
CA TYR A 41 3.04 17.20 -6.57
C TYR A 41 2.09 17.79 -5.54
N LYS A 42 0.95 18.18 -6.01
CA LYS A 42 -0.08 18.64 -5.14
C LYS A 42 -0.71 17.35 -4.54
N LYS A 43 -0.76 16.24 -5.29
CA LYS A 43 -1.52 15.11 -4.76
C LYS A 43 -1.17 13.82 -5.45
N LEU A 44 -1.32 12.71 -4.75
CA LEU A 44 -0.97 11.42 -5.28
C LEU A 44 -2.19 10.52 -5.24
N LYS A 45 -2.43 9.82 -6.36
CA LYS A 45 -3.57 8.89 -6.42
C LYS A 45 -3.09 7.48 -6.11
N PHE A 46 -3.80 6.78 -5.26
CA PHE A 46 -3.39 5.45 -4.76
C PHE A 46 -4.50 4.47 -5.08
N ARG A 47 -4.12 3.27 -5.45
CA ARG A 47 -5.06 2.16 -5.54
C ARG A 47 -4.44 1.02 -4.74
N PHE A 48 -5.18 0.54 -3.75
CA PHE A 48 -4.70 -0.50 -2.83
C PHE A 48 -5.44 -1.81 -3.15
N ILE A 49 -4.71 -2.84 -3.51
CA ILE A 49 -5.30 -4.07 -4.08
C ILE A 49 -5.00 -5.21 -3.12
N ILE A 50 -6.05 -5.83 -2.62
CA ILE A 50 -5.96 -7.03 -1.77
C ILE A 50 -6.52 -8.28 -2.53
N ARG A 51 -5.74 -9.35 -2.62
CA ARG A 51 -6.25 -10.65 -3.10
C ARG A 51 -6.27 -11.53 -1.83
N PRO A 52 -7.44 -11.70 -1.25
CA PRO A 52 -7.51 -12.38 0.06
C PRO A 52 -7.37 -13.89 0.00
N ASP A 53 -6.74 -14.44 1.03
CA ASP A 53 -6.73 -15.87 1.31
C ASP A 53 -8.00 -16.17 2.14
N TRP A 54 -9.00 -16.82 1.55
CA TRP A 54 -10.26 -17.13 2.27
C TRP A 54 -10.24 -18.43 3.06
N SER A 55 -9.06 -19.02 3.25
CA SER A 55 -9.04 -20.36 3.88
C SER A 55 -9.42 -20.30 5.41
N GLU A 56 -9.15 -19.19 6.09
CA GLU A 56 -9.41 -19.15 7.54
C GLU A 56 -10.23 -17.94 8.01
N ILE A 57 -10.28 -16.89 7.20
CA ILE A 57 -10.91 -15.67 7.62
C ILE A 57 -12.43 -15.68 7.47
N ASP A 58 -13.10 -14.79 8.18
CA ASP A 58 -14.56 -14.68 8.06
C ASP A 58 -14.93 -13.44 7.27
N GLU A 59 -13.97 -12.53 7.17
CA GLU A 59 -14.19 -11.31 6.46
C GLU A 59 -12.84 -10.73 6.09
N VAL A 60 -12.83 -9.86 5.10
CA VAL A 60 -11.58 -9.23 4.67
C VAL A 60 -11.40 -7.91 5.38
N LYS A 61 -10.30 -7.73 6.15
CA LYS A 61 -10.09 -6.46 6.86
C LYS A 61 -9.99 -5.32 5.88
N GLY A 62 -10.58 -4.17 6.21
CA GLY A 62 -10.46 -3.01 5.36
C GLY A 62 -9.17 -2.22 5.67
N LEU A 63 -8.97 -1.07 5.05
CA LEU A 63 -7.72 -0.30 5.21
C LEU A 63 -8.01 1.05 5.84
N THR A 64 -7.11 1.43 6.72
CA THR A 64 -7.06 2.76 7.31
C THR A 64 -5.85 3.49 6.75
N VAL A 65 -5.99 4.79 6.47
CA VAL A 65 -4.87 5.54 5.90
C VAL A 65 -4.71 6.88 6.63
N PHE A 66 -3.49 7.18 7.02
CA PHE A 66 -3.14 8.49 7.59
C PHE A 66 -1.97 9.10 6.83
N ALA A 67 -1.96 10.43 6.66
CA ALA A 67 -0.80 11.06 6.01
C ALA A 67 -0.28 12.15 6.97
N ASN A 68 0.98 12.05 7.40
CA ASN A 68 1.47 12.80 8.57
C ASN A 68 0.43 12.81 9.73
N ASN A 69 -0.17 11.65 10.01
CA ASN A 69 -1.08 11.46 11.15
C ASN A 69 -2.40 12.23 11.02
N TYR A 70 -2.72 12.70 9.82
CA TYR A 70 -4.11 13.20 9.53
C TYR A 70 -4.90 12.13 8.79
N ALA A 71 -6.16 11.92 9.18
CA ALA A 71 -6.98 10.83 8.61
C ALA A 71 -7.35 11.16 7.17
N VAL A 72 -7.18 10.16 6.30
CA VAL A 72 -7.43 10.30 4.85
C VAL A 72 -8.66 9.49 4.43
N LYS A 73 -9.49 10.06 3.56
CA LYS A 73 -10.66 9.37 3.01
C LYS A 73 -10.21 8.17 2.17
N VAL A 74 -10.84 7.04 2.40
CA VAL A 74 -10.53 5.82 1.68
C VAL A 74 -11.82 5.30 1.08
N ASN A 75 -11.82 4.99 -0.23
CA ASN A 75 -13.05 4.50 -0.90
C ASN A 75 -12.91 3.06 -1.33
N LYS A 76 -13.87 2.21 -0.98
CA LYS A 76 -13.86 0.83 -1.48
C LYS A 76 -14.43 0.85 -2.89
N VAL A 77 -13.68 0.40 -3.88
CA VAL A 77 -14.20 0.47 -5.28
C VAL A 77 -14.46 -0.89 -5.89
N ASP A 78 -13.96 -1.97 -5.28
CA ASP A 78 -14.34 -3.33 -5.69
C ASP A 78 -14.30 -4.23 -4.47
N ASP A 79 -15.20 -5.20 -4.41
CA ASP A 79 -15.26 -6.10 -3.25
C ASP A 79 -15.77 -7.46 -3.73
N THR A 80 -14.85 -8.34 -4.11
CA THR A 80 -15.25 -9.65 -4.63
C THR A 80 -14.42 -10.72 -3.93
N PHE A 81 -14.71 -11.97 -4.23
CA PHE A 81 -14.00 -13.09 -3.66
C PHE A 81 -12.52 -13.06 -3.98
N TYR A 82 -12.17 -12.71 -5.23
CA TYR A 82 -10.79 -12.77 -5.68
C TYR A 82 -10.05 -11.45 -5.46
N TYR A 83 -10.75 -10.34 -5.21
CA TYR A 83 -10.02 -9.07 -5.01
C TYR A 83 -10.90 -8.04 -4.38
N VAL A 84 -10.28 -7.27 -3.50
CA VAL A 84 -10.91 -6.18 -2.79
C VAL A 84 -10.03 -4.97 -3.02
N ILE A 85 -10.62 -3.91 -3.56
CA ILE A 85 -9.81 -2.77 -3.98
C ILE A 85 -10.30 -1.46 -3.33
N TYR A 86 -9.35 -0.68 -2.80
CA TYR A 86 -9.57 0.65 -2.22
C TYR A 86 -8.78 1.70 -2.97
N GLU A 87 -9.27 2.94 -2.91
CA GLU A 87 -8.56 4.07 -3.51
C GLU A 87 -8.51 5.27 -2.55
N ALA A 88 -7.47 6.09 -2.68
CA ALA A 88 -7.42 7.39 -1.95
C ALA A 88 -6.64 8.36 -2.82
N VAL A 89 -6.91 9.65 -2.67
CA VAL A 89 -6.09 10.64 -3.34
C VAL A 89 -5.54 11.49 -2.21
N ILE A 90 -4.23 11.44 -2.00
CA ILE A 90 -3.66 12.12 -0.82
C ILE A 90 -2.99 13.43 -1.22
N HIS A 91 -3.32 14.52 -0.52
CA HIS A 91 -2.83 15.84 -0.86
C HIS A 91 -1.63 16.12 0.02
N LEU A 92 -0.58 16.66 -0.56
CA LEU A 92 0.69 16.89 0.15
C LEU A 92 0.83 18.34 0.55
N TYR A 93 1.04 18.61 1.83
CA TYR A 93 1.18 19.96 2.35
C TYR A 93 2.59 20.26 2.83
N ASN A 94 3.46 19.26 2.85
CA ASN A 94 4.85 19.48 3.26
C ASN A 94 5.74 18.69 2.31
N LYS A 95 7.00 19.08 2.25
CA LYS A 95 7.97 18.35 1.45
C LYS A 95 8.04 16.86 1.79
N LYS A 96 7.97 16.52 3.08
CA LYS A 96 8.06 15.14 3.53
C LYS A 96 6.76 14.73 4.16
N THR A 97 6.22 13.58 3.76
CA THR A 97 4.92 13.11 4.24
C THR A 97 5.03 11.63 4.55
N GLU A 98 4.71 11.24 5.77
CA GLU A 98 4.71 9.81 6.05
C GLU A 98 3.29 9.29 5.90
N ILE A 99 3.11 8.28 5.06
CA ILE A 99 1.77 7.72 4.90
C ILE A 99 1.72 6.35 5.57
N LEU A 100 0.70 6.10 6.42
CA LEU A 100 0.54 4.79 7.08
C LEU A 100 -0.70 4.19 6.45
N ILE A 101 -0.54 3.00 5.88
CA ILE A 101 -1.64 2.30 5.26
C ILE A 101 -1.72 0.97 6.00
N TYR A 102 -2.87 0.58 6.58
CA TYR A 102 -2.90 -0.70 7.30
C TYR A 102 -4.29 -1.29 7.56
N SER A 103 -4.33 -2.60 7.78
CA SER A 103 -5.54 -3.27 8.20
C SER A 103 -5.62 -3.11 9.74
N ASP A 104 -4.49 -3.31 10.44
CA ASP A 104 -4.43 -3.06 11.89
C ASP A 104 -3.07 -2.45 12.23
N ASP A 105 -3.05 -1.63 13.26
CA ASP A 105 -1.87 -0.94 13.73
C ASP A 105 -1.77 -1.23 15.20
N GLU A 106 -1.11 -2.32 15.52
CA GLU A 106 -0.97 -2.77 16.91
C GLU A 106 0.18 -3.74 16.98
N ASN A 107 0.61 -4.08 18.18
CA ASN A 107 1.63 -5.12 18.44
C ASN A 107 2.84 -5.09 17.52
N GLU A 108 3.41 -3.90 17.32
CA GLU A 108 4.61 -3.73 16.52
C GLU A 108 4.49 -4.16 15.03
N LEU A 109 3.30 -4.08 14.45
CA LEU A 109 3.17 -4.40 13.02
C LEU A 109 4.02 -3.45 12.19
N PHE A 110 4.02 -2.17 12.47
CA PHE A 110 4.83 -1.27 11.64
C PHE A 110 6.34 -1.43 11.93
N LYS A 111 6.68 -1.72 13.17
CA LYS A 111 8.09 -1.85 13.52
C LYS A 111 8.75 -3.08 12.86
N HIS A 112 8.05 -4.21 12.86
CA HIS A 112 8.69 -5.46 12.49
C HIS A 112 8.04 -6.18 11.32
N TYR A 113 6.86 -5.74 10.85
CA TYR A 113 6.14 -6.55 9.85
C TYR A 113 5.91 -5.85 8.52
N TYR A 114 5.18 -4.74 8.53
CA TYR A 114 4.88 -4.05 7.28
C TYR A 114 6.17 -3.43 6.69
N PRO A 115 6.28 -3.46 5.35
CA PRO A 115 7.42 -2.78 4.73
C PRO A 115 7.36 -1.26 4.83
N TYR A 116 8.53 -0.67 4.59
CA TYR A 116 8.71 0.76 4.62
C TYR A 116 9.41 1.13 3.31
N ILE A 117 8.75 1.93 2.50
CA ILE A 117 9.21 2.28 1.18
C ILE A 117 9.30 3.79 1.05
N SER A 118 10.35 4.26 0.41
CA SER A 118 10.57 5.69 0.18
C SER A 118 10.30 6.03 -1.28
N LEU A 119 9.47 7.04 -1.53
CA LEU A 119 9.24 7.52 -2.91
C LEU A 119 9.65 8.96 -3.04
N ASN A 120 10.83 9.20 -3.58
CA ASN A 120 11.28 10.56 -3.78
C ASN A 120 10.83 11.05 -5.15
N MET A 121 9.80 11.88 -5.19
CA MET A 121 9.22 12.36 -6.43
C MET A 121 10.08 13.44 -7.07
N ILE A 122 11.02 13.99 -6.31
CA ILE A 122 11.92 14.96 -6.93
C ILE A 122 12.98 14.26 -7.75
N SER A 123 13.67 13.29 -7.16
CA SER A 123 14.78 12.65 -7.88
C SER A 123 14.26 11.43 -8.62
N LYS A 124 13.00 11.09 -8.39
CA LYS A 124 12.41 9.90 -9.00
C LYS A 124 13.10 8.61 -8.55
N LYS A 125 13.50 8.60 -7.30
CA LYS A 125 14.14 7.44 -6.70
C LYS A 125 13.11 6.77 -5.77
N TYR A 126 12.77 5.52 -6.10
CA TYR A 126 11.76 4.72 -5.38
C TYR A 126 12.49 3.53 -4.79
N LYS A 127 12.50 3.38 -3.48
CA LYS A 127 13.36 2.34 -2.90
C LYS A 127 12.71 1.73 -1.65
N VAL A 128 13.10 0.51 -1.35
CA VAL A 128 12.64 -0.15 -0.15
C VAL A 128 13.57 0.24 0.98
N LYS A 129 13.08 0.91 2.01
CA LYS A 129 13.91 1.16 3.19
C LYS A 129 13.98 -0.05 4.15
N GLU A 130 12.85 -0.70 4.42
CA GLU A 130 12.85 -1.91 5.27
C GLU A 130 11.87 -2.89 4.64
N GLU A 131 12.30 -4.12 4.41
CA GLU A 131 11.38 -5.16 3.94
C GLU A 131 10.52 -5.66 5.08
N ASN A 132 11.08 -5.66 6.29
CA ASN A 132 10.45 -6.31 7.45
C ASN A 132 9.90 -7.68 7.00
N TYR A 133 8.64 -7.99 7.26
CA TYR A 133 8.16 -9.36 7.00
C TYR A 133 7.47 -9.50 5.64
N SER A 134 8.12 -8.99 4.60
CA SER A 134 7.56 -8.96 3.24
C SER A 134 8.74 -8.89 2.28
N SER A 135 8.46 -9.00 0.98
CA SER A 135 9.54 -8.93 -0.02
C SER A 135 9.06 -8.07 -1.17
N PRO A 136 9.03 -6.75 -0.97
CA PRO A 136 8.46 -5.84 -1.95
C PRO A 136 9.22 -5.88 -3.29
N TYR A 137 8.50 -5.58 -4.37
CA TYR A 137 9.09 -5.47 -5.69
C TYR A 137 8.53 -4.21 -6.26
N ILE A 138 9.42 -3.26 -6.55
CA ILE A 138 8.97 -1.96 -7.04
C ILE A 138 9.05 -1.96 -8.56
N GLU A 139 7.92 -1.80 -9.23
CA GLU A 139 7.90 -1.85 -10.69
C GLU A 139 7.60 -0.47 -11.23
N HIS A 140 8.54 0.10 -12.01
CA HIS A 140 8.30 1.40 -12.60
C HIS A 140 9.03 1.45 -13.96
N PRO A 141 8.33 1.71 -15.07
CA PRO A 141 6.89 1.91 -15.10
C PRO A 141 6.13 0.62 -14.82
N LEU A 142 4.92 0.79 -14.41
CA LEU A 142 4.06 -0.30 -14.11
C LEU A 142 3.73 -1.03 -15.37
N ILE A 143 3.64 -2.32 -15.27
CA ILE A 143 3.16 -3.11 -16.40
C ILE A 143 1.80 -3.65 -15.98
N PRO A 144 0.74 -3.36 -16.74
CA PRO A 144 -0.53 -3.80 -16.13
C PRO A 144 -0.76 -5.29 -16.38
N TYR A 145 -0.74 -6.14 -15.36
CA TYR A 145 -1.01 -7.54 -15.62
C TYR A 145 -2.50 -7.85 -15.49
N ARG A 146 -3.23 -7.04 -14.73
CA ARG A 146 -4.70 -7.17 -14.67
C ARG A 146 -5.27 -5.84 -15.08
N ASP A 147 -6.49 -5.86 -15.64
CA ASP A 147 -7.24 -4.65 -15.99
C ASP A 147 -7.38 -3.71 -14.79
N TYR A 148 -7.52 -4.25 -13.59
CA TYR A 148 -7.74 -3.34 -12.45
C TYR A 148 -6.47 -2.66 -11.99
N GLU A 149 -5.31 -3.03 -12.57
CA GLU A 149 -4.04 -2.32 -12.27
C GLU A 149 -3.82 -1.03 -13.06
N SER A 150 -4.40 -0.93 -14.24
CA SER A 150 -4.14 0.29 -14.98
C SER A 150 -5.02 1.45 -14.43
N MET A 151 -4.42 2.64 -14.29
CA MET A 151 -5.12 3.88 -13.87
C MET A 151 -4.89 4.98 -14.90
C1 GOL B . 4.63 19.64 -1.89
O1 GOL B . 4.45 19.16 -3.23
C2 GOL B . 3.99 21.02 -1.69
O2 GOL B . 2.68 21.07 -2.21
C3 GOL B . 4.00 21.36 -0.20
O3 GOL B . 5.34 21.56 0.16
C1 GOL C . -10.11 -13.71 -10.76
O1 GOL C . -9.68 -12.39 -10.65
C2 GOL C . -8.94 -14.56 -11.20
O2 GOL C . -9.44 -15.83 -11.52
C3 GOL C . -7.89 -14.66 -10.10
O3 GOL C . -7.53 -16.02 -9.90
#